data_2G41
#
_entry.id   2G41
#
_cell.length_a   62.810
_cell.length_b   66.390
_cell.length_c   107.597
_cell.angle_alpha   90.00
_cell.angle_beta   90.00
_cell.angle_gamma   90.00
#
_symmetry.space_group_name_H-M   'P 21 21 21'
#
loop_
_entity.id
_entity.type
_entity.pdbx_description
1 polymer 'SIGNAL PROCESSING PROTEIN'
2 branched beta-D-mannopyranose-(1-4)-2-acetamido-2-deoxy-beta-D-glucopyranose-(1-4)-2-acetamido-2-deoxy-beta-D-glucopyranose
3 branched 2-acetamido-2-deoxy-beta-D-glucopyranose-(1-4)-2-acetamido-2-deoxy-beta-D-glucopyranose-(1-4)-2-acetamido-2-deoxy-beta-D-glucopyranose
4 water water
#
_entity_poly.entity_id   1
_entity_poly.type   'polypeptide(L)'
_entity_poly.pdbx_seq_one_letter_code
;YKLICYYTSWSQYREGDGSCFPDAIDPFLCTHVIYSFANISNNEIDTWEWNDVTLYDTLNTLKNRNPKLKTLLSVGGWNF
GPERFSAIASKTQSRRTFIKSVPPFLRTHGFDGLDLAWLYPGRRDKRHLTTLVKEMKAEFIREAQAGTEQLLLSAAVSAG
KIAIDRGYDIAQISRHLDFISLLTYDFHGAWRQTVGHHSPLFAGNEDASSRFSNADYAVSYMLRLGAPANKLVMGIPTFG
RSFTLASSKTDVGAPVSGPGVPGRFTKEKGILAYYEICDFLHGATTHRFRDQQVPYATKGNQWVAYDDQESVKNKARYLK
NRQLAGAMVWALDLDDFRGTFCGQNLTFPLTSAVKDVLAEV
;
_entity_poly.pdbx_strand_id   A
#
loop_
_chem_comp.id
_chem_comp.type
_chem_comp.name
_chem_comp.formula
BMA D-saccharide, beta linking beta-D-mannopyranose 'C6 H12 O6'
NAG D-saccharide, beta linking 2-acetamido-2-deoxy-beta-D-glucopyranose 'C8 H15 N O6'
#
# COMPACT_ATOMS: atom_id res chain seq x y z
N TYR A 1 -6.74 -10.61 -13.43
CA TYR A 1 -6.01 -9.55 -12.67
C TYR A 1 -6.76 -9.04 -11.45
N LYS A 2 -6.03 -8.84 -10.36
CA LYS A 2 -6.56 -8.32 -9.10
C LYS A 2 -6.15 -6.86 -8.92
N LEU A 3 -7.06 -6.04 -8.39
CA LEU A 3 -6.72 -4.66 -8.12
C LEU A 3 -7.06 -4.49 -6.63
N ILE A 4 -6.02 -4.58 -5.79
CA ILE A 4 -6.15 -4.46 -4.34
C ILE A 4 -6.07 -2.98 -3.92
N CYS A 5 -7.12 -2.48 -3.27
CA CYS A 5 -7.14 -1.09 -2.86
C CYS A 5 -7.33 -0.86 -1.37
N TYR A 6 -6.42 -0.09 -0.80
CA TYR A 6 -6.46 0.24 0.62
C TYR A 6 -7.29 1.50 0.83
N TYR A 7 -8.05 1.49 1.93
CA TYR A 7 -8.84 2.63 2.33
C TYR A 7 -8.37 2.86 3.76
N THR A 8 -7.98 4.09 4.07
CA THR A 8 -7.52 4.35 5.43
C THR A 8 -8.52 5.06 6.34
N SER A 9 -8.60 4.53 7.55
CA SER A 9 -9.46 4.98 8.64
C SER A 9 -9.50 6.46 8.89
N TRP A 10 -8.33 7.01 9.20
CA TRP A 10 -8.19 8.41 9.53
C TRP A 10 -8.51 9.43 8.44
N SER A 11 -8.72 9.00 7.21
CA SER A 11 -9.01 9.96 6.15
C SER A 11 -10.42 10.54 6.28
N GLN A 12 -11.17 10.08 7.29
CA GLN A 12 -12.52 10.58 7.52
C GLN A 12 -12.40 11.98 8.16
N TYR A 13 -11.40 12.13 9.02
CA TYR A 13 -11.16 13.37 9.75
C TYR A 13 -10.56 14.53 9.00
N ARG A 14 -10.30 14.38 7.70
CA ARG A 14 -9.70 15.46 6.93
C ARG A 14 -10.77 16.50 6.70
N GLU A 15 -10.38 17.77 6.64
CA GLU A 15 -11.44 18.75 6.45
C GLU A 15 -11.86 19.03 5.03
N GLY A 16 -13.09 19.51 4.91
CA GLY A 16 -13.65 19.82 3.61
C GLY A 16 -13.74 18.58 2.75
N ASP A 17 -13.34 18.76 1.50
CA ASP A 17 -13.37 17.71 0.48
C ASP A 17 -12.36 16.61 0.77
N GLY A 18 -11.38 16.91 1.63
CA GLY A 18 -10.39 15.91 1.97
C GLY A 18 -11.03 14.75 2.72
N SER A 19 -12.12 15.05 3.42
CA SER A 19 -12.84 14.04 4.19
C SER A 19 -13.37 12.97 3.25
N CYS A 20 -13.07 11.71 3.57
CA CYS A 20 -13.48 10.60 2.73
C CYS A 20 -14.03 9.41 3.51
N PHE A 21 -15.24 8.97 3.16
CA PHE A 21 -15.89 7.82 3.79
C PHE A 21 -16.08 6.66 2.80
N PRO A 22 -16.16 5.42 3.31
CA PRO A 22 -16.34 4.20 2.51
C PRO A 22 -17.30 4.36 1.37
N ASP A 23 -18.38 5.09 1.59
CA ASP A 23 -19.38 5.26 0.55
C ASP A 23 -18.97 6.15 -0.63
N ALA A 24 -17.75 6.69 -0.58
CA ALA A 24 -17.27 7.52 -1.66
C ALA A 24 -16.54 6.59 -2.62
N ILE A 25 -16.52 5.31 -2.26
CA ILE A 25 -15.83 4.30 -3.06
C ILE A 25 -16.71 3.62 -4.10
N ASP A 26 -16.24 3.61 -5.35
CA ASP A 26 -16.94 2.98 -6.46
C ASP A 26 -16.81 1.47 -6.30
N PRO A 27 -17.95 0.79 -6.06
CA PRO A 27 -18.03 -0.66 -5.87
C PRO A 27 -17.40 -1.49 -6.96
N PHE A 28 -17.32 -0.91 -8.15
CA PHE A 28 -16.80 -1.64 -9.30
C PHE A 28 -15.39 -1.32 -9.74
N LEU A 29 -14.73 -0.44 -9.01
CA LEU A 29 -13.38 -0.04 -9.35
C LEU A 29 -12.38 -1.15 -9.00
N CYS A 30 -12.25 -1.46 -7.72
CA CYS A 30 -11.32 -2.48 -7.25
C CYS A 30 -11.93 -3.87 -7.14
N THR A 31 -11.07 -4.90 -7.03
CA THR A 31 -11.57 -6.27 -6.88
C THR A 31 -11.53 -6.64 -5.42
N HIS A 32 -10.68 -5.93 -4.67
CA HIS A 32 -10.51 -6.13 -3.23
C HIS A 32 -10.27 -4.80 -2.56
N VAL A 33 -11.00 -4.50 -1.49
CA VAL A 33 -10.77 -3.24 -0.77
C VAL A 33 -10.30 -3.62 0.64
N ILE A 34 -9.22 -2.99 1.06
CA ILE A 34 -8.65 -3.29 2.36
C ILE A 34 -8.74 -2.10 3.30
N TYR A 35 -9.37 -2.36 4.45
CA TYR A 35 -9.56 -1.36 5.51
C TYR A 35 -8.32 -1.37 6.44
N SER A 36 -7.71 -0.20 6.62
CA SER A 36 -6.53 -0.06 7.46
C SER A 36 -6.89 0.87 8.59
N PHE A 37 -6.60 0.55 9.84
CA PHE A 37 -5.92 -0.66 10.28
C PHE A 37 -6.66 -1.09 11.54
N ALA A 38 -6.55 -2.36 11.88
CA ALA A 38 -7.17 -2.88 13.09
C ALA A 38 -6.07 -2.84 14.16
N ASN A 39 -6.47 -2.71 15.43
CA ASN A 39 -5.54 -2.69 16.56
C ASN A 39 -5.52 -4.12 17.08
N ILE A 40 -4.75 -4.37 18.12
CA ILE A 40 -4.70 -5.67 18.79
C ILE A 40 -4.72 -5.35 20.30
N SER A 41 -5.62 -6.00 21.05
CA SER A 41 -5.75 -5.78 22.51
C SER A 41 -5.89 -7.08 23.29
N ASN A 42 -5.19 -7.19 24.42
CA ASN A 42 -5.17 -8.43 25.19
C ASN A 42 -5.00 -9.52 24.14
N ASN A 43 -4.00 -9.35 23.28
CA ASN A 43 -3.69 -10.31 22.19
C ASN A 43 -4.83 -10.72 21.24
N GLU A 44 -5.80 -9.84 21.04
CA GLU A 44 -6.93 -10.11 20.16
C GLU A 44 -7.13 -9.01 19.13
N ILE A 45 -7.53 -9.40 17.92
CA ILE A 45 -7.77 -8.38 16.91
C ILE A 45 -8.88 -7.51 17.48
N ASP A 46 -8.79 -6.20 17.25
CA ASP A 46 -9.77 -5.29 17.81
C ASP A 46 -9.89 -4.08 16.89
N THR A 47 -10.85 -3.20 17.17
CA THR A 47 -11.04 -2.01 16.34
C THR A 47 -10.01 -0.94 16.70
N TRP A 48 -10.04 0.16 15.97
CA TRP A 48 -9.10 1.26 16.19
C TRP A 48 -9.84 2.59 16.38
N GLU A 49 -10.55 3.06 15.37
CA GLU A 49 -11.31 4.30 15.51
C GLU A 49 -12.55 3.97 16.33
N TRP A 50 -13.18 5.00 16.92
CA TRP A 50 -14.39 4.79 17.72
C TRP A 50 -15.55 4.32 16.85
N ASN A 51 -15.59 4.76 15.61
CA ASN A 51 -16.68 4.38 14.74
C ASN A 51 -16.37 3.30 13.70
N ASP A 52 -15.33 2.51 13.97
CA ASP A 52 -15.00 1.46 13.01
C ASP A 52 -16.20 0.56 12.69
N VAL A 53 -16.94 0.08 13.69
CA VAL A 53 -18.08 -0.77 13.34
C VAL A 53 -19.06 -0.16 12.34
N THR A 54 -19.24 1.17 12.35
CA THR A 54 -20.14 1.82 11.38
C THR A 54 -19.50 1.81 10.00
N LEU A 55 -18.25 2.27 9.94
CA LEU A 55 -17.52 2.32 8.67
C LEU A 55 -17.29 0.93 8.08
N TYR A 56 -17.16 -0.09 8.94
CA TYR A 56 -16.97 -1.48 8.46
C TYR A 56 -18.22 -1.84 7.67
N ASP A 57 -19.34 -1.63 8.35
CA ASP A 57 -20.66 -1.89 7.83
C ASP A 57 -20.89 -1.09 6.54
N THR A 58 -20.42 0.16 6.49
CA THR A 58 -20.57 1.01 5.30
C THR A 58 -19.81 0.43 4.11
N LEU A 59 -18.56 0.06 4.38
CA LEU A 59 -17.69 -0.51 3.38
C LEU A 59 -18.27 -1.84 2.89
N ASN A 60 -18.71 -2.68 3.82
CA ASN A 60 -19.24 -3.96 3.44
C ASN A 60 -20.61 -3.95 2.78
N THR A 61 -21.33 -2.84 2.86
CA THR A 61 -22.62 -2.78 2.20
C THR A 61 -22.39 -2.57 0.70
N LEU A 62 -21.15 -2.23 0.32
CA LEU A 62 -20.83 -2.04 -1.09
C LEU A 62 -20.95 -3.37 -1.80
N LYS A 63 -20.83 -4.46 -1.04
CA LYS A 63 -20.94 -5.79 -1.63
C LYS A 63 -22.38 -6.05 -2.04
N ASN A 64 -23.28 -5.14 -1.67
CA ASN A 64 -24.67 -5.27 -2.04
C ASN A 64 -24.88 -4.81 -3.48
N ARG A 65 -24.01 -3.91 -3.94
CA ARG A 65 -24.11 -3.40 -5.30
C ARG A 65 -23.22 -4.23 -6.23
N ASN A 66 -22.04 -4.60 -5.74
CA ASN A 66 -21.14 -5.44 -6.52
C ASN A 66 -20.93 -6.68 -5.66
N PRO A 67 -21.56 -7.80 -6.03
CA PRO A 67 -21.43 -9.04 -5.26
C PRO A 67 -20.09 -9.79 -5.37
N LYS A 68 -19.32 -9.51 -6.42
CA LYS A 68 -18.03 -10.17 -6.60
C LYS A 68 -16.91 -9.50 -5.78
N LEU A 69 -17.23 -8.36 -5.17
CA LEU A 69 -16.27 -7.60 -4.40
C LEU A 69 -15.90 -8.29 -3.09
N LYS A 70 -14.60 -8.36 -2.81
CA LYS A 70 -14.11 -8.97 -1.57
C LYS A 70 -13.44 -7.87 -0.75
N THR A 71 -13.64 -7.87 0.55
CA THR A 71 -13.01 -6.87 1.41
C THR A 71 -12.16 -7.58 2.48
N LEU A 72 -11.12 -6.91 2.94
CA LEU A 72 -10.22 -7.44 3.97
C LEU A 72 -9.92 -6.38 5.02
N LEU A 73 -9.49 -6.80 6.20
CA LEU A 73 -9.13 -5.88 7.26
C LEU A 73 -7.63 -6.03 7.48
N SER A 74 -6.88 -4.92 7.44
CA SER A 74 -5.44 -5.01 7.65
C SER A 74 -5.10 -4.83 9.13
N VAL A 75 -4.08 -5.55 9.64
CA VAL A 75 -3.67 -5.42 11.05
C VAL A 75 -2.27 -4.87 11.12
N GLY A 76 -2.02 -4.02 12.11
CA GLY A 76 -0.72 -3.45 12.24
C GLY A 76 -0.73 -2.08 11.62
N GLY A 77 0.22 -1.83 10.76
CA GLY A 77 0.30 -0.52 10.14
C GLY A 77 1.47 0.26 10.70
N TRP A 78 1.47 1.56 10.43
CA TRP A 78 2.56 2.44 10.86
C TRP A 78 2.53 2.97 12.28
N ASN A 79 1.36 3.25 12.83
CA ASN A 79 1.33 3.73 14.21
C ASN A 79 1.06 2.56 15.14
N PHE A 80 1.51 1.39 14.69
CA PHE A 80 1.41 0.15 15.43
C PHE A 80 2.86 -0.33 15.52
N GLY A 81 3.49 -0.15 16.68
CA GLY A 81 4.87 -0.54 16.81
C GLY A 81 5.21 -1.95 16.35
N PRO A 82 6.29 -2.14 15.60
CA PRO A 82 6.61 -3.51 15.17
C PRO A 82 7.03 -4.39 16.36
N GLU A 83 7.49 -3.77 17.45
CA GLU A 83 7.88 -4.54 18.64
C GLU A 83 6.63 -5.19 19.15
N ARG A 84 5.52 -4.44 19.10
CA ARG A 84 4.24 -4.97 19.55
C ARG A 84 3.91 -6.24 18.75
N PHE A 85 4.11 -6.20 17.44
CA PHE A 85 3.85 -7.37 16.63
C PHE A 85 4.79 -8.47 17.08
N SER A 86 6.07 -8.11 17.14
CA SER A 86 7.16 -8.98 17.53
C SER A 86 6.85 -9.83 18.74
N ALA A 87 6.46 -9.16 19.83
CA ALA A 87 6.13 -9.79 21.10
C ALA A 87 4.94 -10.76 21.06
N ILE A 88 4.05 -10.59 20.09
CA ILE A 88 2.90 -11.48 19.98
C ILE A 88 3.26 -12.73 19.18
N ALA A 89 4.07 -12.58 18.14
CA ALA A 89 4.46 -13.71 17.30
C ALA A 89 5.45 -14.67 17.95
N SER A 90 6.33 -14.15 18.81
CA SER A 90 7.36 -14.97 19.46
C SER A 90 6.93 -15.88 20.61
N LYS A 91 5.80 -15.60 21.24
CA LYS A 91 5.30 -16.44 22.33
C LYS A 91 4.16 -17.29 21.77
N THR A 92 4.42 -18.57 21.51
CA THR A 92 3.39 -19.44 20.95
C THR A 92 2.03 -19.30 21.64
N GLN A 93 2.02 -18.97 22.92
CA GLN A 93 0.76 -18.82 23.64
C GLN A 93 -0.08 -17.62 23.20
N SER A 94 0.52 -16.43 23.15
CA SER A 94 -0.24 -15.24 22.77
C SER A 94 -0.53 -15.22 21.26
N ARG A 95 0.33 -15.89 20.50
CA ARG A 95 0.15 -15.97 19.05
C ARG A 95 -1.13 -16.77 18.77
N ARG A 96 -1.21 -17.96 19.36
CA ARG A 96 -2.38 -18.81 19.19
C ARG A 96 -3.64 -18.03 19.65
N THR A 97 -3.52 -17.23 20.70
CA THR A 97 -4.66 -16.44 21.18
C THR A 97 -5.18 -15.48 20.11
N PHE A 98 -4.27 -14.71 19.53
CA PHE A 98 -4.58 -13.76 18.48
C PHE A 98 -5.20 -14.46 17.28
N ILE A 99 -4.54 -15.52 16.81
CA ILE A 99 -5.03 -16.29 15.69
C ILE A 99 -6.46 -16.77 15.89
N LYS A 100 -6.77 -17.31 17.06
CA LYS A 100 -8.11 -17.78 17.32
C LYS A 100 -9.13 -16.64 17.39
N SER A 101 -8.66 -15.45 17.76
CA SER A 101 -9.53 -14.29 17.91
C SER A 101 -10.01 -13.72 16.58
N VAL A 102 -9.22 -13.92 15.53
CA VAL A 102 -9.50 -13.35 14.23
C VAL A 102 -10.77 -13.75 13.44
N PRO A 103 -10.96 -15.05 13.11
CA PRO A 103 -12.17 -15.45 12.36
C PRO A 103 -13.52 -14.90 12.87
N PRO A 104 -13.87 -15.16 14.14
CA PRO A 104 -15.15 -14.62 14.61
C PRO A 104 -15.28 -13.13 14.31
N PHE A 105 -14.19 -12.40 14.50
CA PHE A 105 -14.17 -10.95 14.27
C PHE A 105 -14.56 -10.62 12.84
N LEU A 106 -13.82 -11.20 11.89
CA LEU A 106 -14.09 -11.00 10.48
C LEU A 106 -15.50 -11.45 10.13
N ARG A 107 -15.94 -12.60 10.64
CA ARG A 107 -17.27 -13.08 10.35
C ARG A 107 -18.37 -12.12 10.84
N THR A 108 -18.25 -11.62 12.06
CA THR A 108 -19.23 -10.68 12.62
C THR A 108 -19.36 -9.41 11.79
N HIS A 109 -18.22 -8.89 11.36
CA HIS A 109 -18.23 -7.65 10.61
C HIS A 109 -18.35 -7.75 9.12
N GLY A 110 -18.20 -8.96 8.60
CA GLY A 110 -18.38 -9.15 7.18
C GLY A 110 -17.21 -9.09 6.24
N PHE A 111 -16.00 -9.28 6.76
CA PHE A 111 -14.80 -9.25 5.92
C PHE A 111 -14.56 -10.63 5.32
N ASP A 112 -13.82 -10.68 4.23
CA ASP A 112 -13.55 -11.94 3.55
C ASP A 112 -12.14 -12.44 3.79
N GLY A 113 -11.38 -11.71 4.60
CA GLY A 113 -10.02 -12.10 4.87
C GLY A 113 -9.27 -11.08 5.71
N LEU A 114 -8.06 -11.44 6.07
CA LEU A 114 -7.20 -10.61 6.90
C LEU A 114 -5.97 -10.19 6.12
N ASP A 115 -5.46 -8.99 6.38
CA ASP A 115 -4.25 -8.52 5.71
C ASP A 115 -3.22 -8.14 6.79
N LEU A 116 -2.09 -8.82 6.78
CA LEU A 116 -1.04 -8.58 7.77
C LEU A 116 -0.08 -7.49 7.37
N ALA A 117 -0.13 -6.35 8.05
CA ALA A 117 0.79 -5.26 7.75
C ALA A 117 1.81 -5.05 8.90
N TRP A 118 2.64 -6.06 9.18
CA TRP A 118 3.68 -6.01 10.23
C TRP A 118 4.85 -5.30 9.56
N LEU A 119 5.12 -4.07 9.99
CA LEU A 119 6.21 -3.27 9.42
C LEU A 119 7.18 -2.81 10.52
N TYR A 120 8.34 -3.44 10.68
CA TYR A 120 8.80 -4.58 9.89
C TYR A 120 9.48 -5.57 10.81
N PRO A 121 9.46 -6.85 10.43
CA PRO A 121 10.11 -7.86 11.26
C PRO A 121 11.61 -7.71 11.06
N GLY A 122 12.35 -7.93 12.13
CA GLY A 122 13.78 -7.79 12.02
C GLY A 122 14.39 -9.12 11.74
N ARG A 123 15.69 -9.22 11.96
CA ARG A 123 16.43 -10.44 11.77
C ARG A 123 15.85 -11.47 12.75
N ARG A 124 15.61 -11.03 13.99
CA ARG A 124 15.05 -11.85 15.05
C ARG A 124 13.60 -12.34 14.87
N ASP A 125 12.85 -11.70 13.97
CA ASP A 125 11.44 -12.04 13.74
C ASP A 125 11.13 -13.01 12.62
N LYS A 126 12.02 -13.10 11.64
CA LYS A 126 11.81 -13.97 10.49
C LYS A 126 11.17 -15.32 10.78
N ARG A 127 11.67 -16.03 11.78
CA ARG A 127 11.14 -17.35 12.12
C ARG A 127 9.68 -17.32 12.56
N HIS A 128 9.32 -16.34 13.37
CA HIS A 128 7.96 -16.23 13.88
C HIS A 128 6.97 -15.69 12.88
N LEU A 129 7.42 -14.81 12.01
CA LEU A 129 6.54 -14.29 10.98
C LEU A 129 6.15 -15.51 10.13
N THR A 130 7.11 -16.41 9.87
CA THR A 130 6.79 -17.60 9.07
C THR A 130 5.72 -18.43 9.76
N THR A 131 5.80 -18.47 11.09
CA THR A 131 4.88 -19.25 11.91
C THR A 131 3.47 -18.69 12.01
N LEU A 132 3.42 -17.37 12.21
CA LEU A 132 2.16 -16.64 12.32
C LEU A 132 1.37 -16.89 11.05
N VAL A 133 2.05 -16.77 9.92
CA VAL A 133 1.42 -16.99 8.62
C VAL A 133 0.90 -18.43 8.48
N LYS A 134 1.73 -19.41 8.82
CA LYS A 134 1.37 -20.83 8.75
C LYS A 134 0.11 -21.16 9.56
N GLU A 135 0.22 -20.94 10.87
CA GLU A 135 -0.84 -21.21 11.82
C GLU A 135 -2.12 -20.44 11.57
N MET A 136 -1.98 -19.22 11.08
CA MET A 136 -3.11 -18.38 10.76
C MET A 136 -3.84 -19.02 9.58
N LYS A 137 -3.10 -19.40 8.54
CA LYS A 137 -3.71 -20.05 7.38
C LYS A 137 -4.31 -21.39 7.79
N ALA A 138 -3.59 -22.14 8.64
CA ALA A 138 -4.06 -23.43 9.12
C ALA A 138 -5.44 -23.27 9.76
N GLU A 139 -5.58 -22.20 10.53
CA GLU A 139 -6.81 -21.86 11.24
C GLU A 139 -7.94 -21.43 10.29
N PHE A 140 -7.57 -20.75 9.22
CA PHE A 140 -8.55 -20.32 8.23
C PHE A 140 -9.08 -21.54 7.50
N ILE A 141 -8.22 -22.54 7.33
CA ILE A 141 -8.62 -23.78 6.68
C ILE A 141 -9.56 -24.52 7.63
N ARG A 142 -9.17 -24.68 8.90
CA ARG A 142 -10.00 -25.40 9.85
C ARG A 142 -11.37 -24.75 10.01
N GLU A 143 -11.45 -23.43 9.92
CA GLU A 143 -12.73 -22.76 10.08
C GLU A 143 -13.69 -22.87 8.88
N ALA A 144 -13.18 -23.17 7.69
CA ALA A 144 -14.04 -23.28 6.52
C ALA A 144 -14.89 -24.55 6.54
N GLN A 145 -14.59 -25.43 7.50
CA GLN A 145 -15.33 -26.68 7.65
C GLN A 145 -16.75 -26.38 8.11
N ALA A 146 -16.91 -25.28 8.85
CA ALA A 146 -18.22 -24.86 9.35
C ALA A 146 -19.19 -24.61 8.20
N GLY A 147 -18.68 -24.65 6.97
CA GLY A 147 -19.52 -24.49 5.80
C GLY A 147 -19.50 -23.17 5.09
N THR A 148 -18.68 -22.23 5.54
CA THR A 148 -18.63 -20.91 4.93
C THR A 148 -17.40 -20.75 4.04
N GLU A 149 -17.52 -19.89 3.04
CA GLU A 149 -16.41 -19.61 2.13
C GLU A 149 -15.16 -19.29 2.97
N GLN A 150 -14.03 -19.87 2.60
CA GLN A 150 -12.78 -19.69 3.33
C GLN A 150 -12.22 -18.27 3.31
N LEU A 151 -11.78 -17.81 4.48
CA LEU A 151 -11.21 -16.47 4.60
C LEU A 151 -9.85 -16.40 3.88
N LEU A 152 -9.53 -15.22 3.36
CA LEU A 152 -8.27 -15.00 2.64
C LEU A 152 -7.22 -14.48 3.62
N LEU A 153 -5.96 -14.65 3.26
CA LEU A 153 -4.87 -14.18 4.10
C LEU A 153 -3.77 -13.60 3.20
N SER A 154 -3.46 -12.33 3.40
CA SER A 154 -2.47 -11.64 2.60
C SER A 154 -1.53 -10.89 3.52
N ALA A 155 -0.45 -10.39 2.96
CA ALA A 155 0.52 -9.64 3.73
C ALA A 155 1.12 -8.53 2.88
N ALA A 156 1.33 -7.38 3.50
CA ALA A 156 1.97 -6.24 2.85
C ALA A 156 3.46 -6.40 3.16
N VAL A 157 4.27 -6.69 2.14
CA VAL A 157 5.71 -6.91 2.34
C VAL A 157 6.61 -5.78 1.83
N SER A 158 7.72 -5.55 2.53
CA SER A 158 8.68 -4.53 2.14
C SER A 158 9.25 -4.85 0.75
N ALA A 159 9.75 -3.84 0.07
CA ALA A 159 10.32 -4.07 -1.25
C ALA A 159 11.80 -3.78 -1.25
N GLY A 160 12.36 -3.60 -0.05
CA GLY A 160 13.77 -3.31 0.08
C GLY A 160 14.66 -4.51 0.27
N LYS A 161 15.58 -4.68 -0.69
CA LYS A 161 16.57 -5.77 -0.73
C LYS A 161 17.06 -6.19 0.67
N ILE A 162 17.41 -5.20 1.47
CA ILE A 162 17.90 -5.47 2.81
C ILE A 162 16.80 -5.90 3.79
N ALA A 163 15.63 -5.26 3.72
CA ALA A 163 14.50 -5.62 4.59
C ALA A 163 13.98 -7.03 4.27
N ILE A 164 14.00 -7.38 3.00
CA ILE A 164 13.53 -8.69 2.58
C ILE A 164 14.47 -9.78 3.14
N ASP A 165 15.77 -9.59 2.94
CA ASP A 165 16.79 -10.54 3.38
C ASP A 165 16.86 -10.71 4.88
N ARG A 166 16.66 -9.60 5.58
CA ARG A 166 16.72 -9.57 7.02
C ARG A 166 15.56 -10.30 7.69
N GLY A 167 14.33 -9.83 7.41
CA GLY A 167 13.17 -10.42 8.06
C GLY A 167 12.11 -11.31 7.42
N TYR A 168 12.27 -11.72 6.17
CA TYR A 168 11.23 -12.55 5.53
C TYR A 168 11.69 -13.88 4.90
N ASP A 169 11.03 -14.98 5.25
CA ASP A 169 11.36 -16.26 4.60
C ASP A 169 10.33 -16.33 3.46
N ILE A 170 10.65 -15.65 2.36
CA ILE A 170 9.78 -15.55 1.20
C ILE A 170 9.30 -16.86 0.56
N ALA A 171 10.17 -17.87 0.50
CA ALA A 171 9.77 -19.13 -0.07
C ALA A 171 8.69 -19.81 0.80
N GLN A 172 8.85 -19.69 2.11
CA GLN A 172 7.90 -20.28 3.05
C GLN A 172 6.55 -19.59 3.11
N ILE A 173 6.52 -18.27 3.25
CA ILE A 173 5.23 -17.61 3.37
C ILE A 173 4.38 -17.49 2.10
N SER A 174 4.94 -17.73 0.92
CA SER A 174 4.14 -17.65 -0.29
C SER A 174 3.24 -18.87 -0.42
N ARG A 175 3.70 -20.02 0.08
CA ARG A 175 2.89 -21.24 0.00
C ARG A 175 1.59 -20.97 0.76
N HIS A 176 1.71 -20.29 1.89
CA HIS A 176 0.56 -20.00 2.73
C HIS A 176 -0.28 -18.73 2.51
N LEU A 177 0.25 -17.74 1.80
CA LEU A 177 -0.52 -16.50 1.59
C LEU A 177 -1.29 -16.54 0.30
N ASP A 178 -2.50 -15.96 0.31
CA ASP A 178 -3.36 -15.90 -0.87
C ASP A 178 -2.75 -14.95 -1.90
N PHE A 179 -2.12 -13.89 -1.41
CA PHE A 179 -1.39 -12.95 -2.24
C PHE A 179 -0.51 -12.04 -1.38
N ILE A 180 0.52 -11.48 -2.02
CA ILE A 180 1.49 -10.63 -1.37
C ILE A 180 1.56 -9.24 -2.01
N SER A 181 1.38 -8.19 -1.22
CA SER A 181 1.45 -6.83 -1.74
C SER A 181 2.84 -6.31 -1.52
N LEU A 182 3.51 -5.96 -2.60
CA LEU A 182 4.86 -5.42 -2.54
C LEU A 182 4.82 -3.90 -2.37
N LEU A 183 5.44 -3.39 -1.31
CA LEU A 183 5.44 -1.95 -1.04
C LEU A 183 6.47 -1.22 -1.87
N THR A 184 6.27 -1.27 -3.18
CA THR A 184 7.18 -0.66 -4.14
C THR A 184 7.08 0.87 -4.28
N TYR A 185 7.00 1.58 -3.16
CA TYR A 185 6.93 3.04 -3.20
C TYR A 185 7.65 3.67 -2.03
N ASP A 186 8.63 2.96 -1.51
CA ASP A 186 9.38 3.46 -0.37
C ASP A 186 10.88 3.27 -0.59
N PHE A 187 11.41 3.91 -1.63
CA PHE A 187 12.80 3.79 -2.00
C PHE A 187 13.72 4.97 -1.77
N HIS A 188 13.12 6.09 -1.39
CA HIS A 188 13.89 7.25 -1.05
C HIS A 188 13.05 7.79 0.09
N GLY A 189 13.31 9.02 0.48
CA GLY A 189 12.59 9.59 1.60
C GLY A 189 13.42 9.09 2.74
N ALA A 190 12.79 8.37 3.65
CA ALA A 190 13.54 7.87 4.77
C ALA A 190 14.63 8.76 5.23
N TRP A 191 14.41 10.10 5.28
CA TRP A 191 15.42 11.05 5.83
C TRP A 191 16.85 11.04 5.22
N ARG A 192 16.99 11.18 3.91
CA ARG A 192 18.37 11.26 3.33
C ARG A 192 18.46 12.65 2.70
N GLN A 193 19.50 13.39 3.01
CA GLN A 193 19.54 14.79 2.55
C GLN A 193 19.79 15.05 1.06
N THR A 194 19.19 14.22 0.21
CA THR A 194 19.27 14.43 -1.24
C THR A 194 17.87 14.23 -1.83
N VAL A 195 17.60 14.86 -2.96
CA VAL A 195 16.32 14.77 -3.67
C VAL A 195 16.29 13.45 -4.46
N GLY A 196 15.15 12.78 -4.51
CA GLY A 196 15.03 11.51 -5.22
C GLY A 196 13.60 10.98 -5.31
N HIS A 197 13.33 10.04 -6.22
CA HIS A 197 11.97 9.51 -6.37
C HIS A 197 11.70 8.24 -5.57
N HIS A 198 10.71 8.30 -4.69
CA HIS A 198 10.32 7.18 -3.82
C HIS A 198 9.83 5.95 -4.56
N SER A 199 9.36 6.08 -5.80
CA SER A 199 8.84 4.92 -6.49
C SER A 199 9.17 4.81 -7.97
N PRO A 200 10.46 4.80 -8.31
CA PRO A 200 10.80 4.69 -9.73
C PRO A 200 10.53 3.27 -10.20
N LEU A 201 10.39 3.07 -11.49
CA LEU A 201 10.13 1.73 -12.00
C LEU A 201 11.45 1.03 -12.32
N PHE A 202 12.37 1.80 -12.88
CA PHE A 202 13.66 1.27 -13.32
C PHE A 202 14.90 1.84 -12.65
N ALA A 203 16.02 1.16 -12.87
CA ALA A 203 17.31 1.53 -12.31
C ALA A 203 17.75 2.95 -12.70
N GLY A 204 17.82 3.23 -14.00
CA GLY A 204 18.22 4.56 -14.48
C GLY A 204 19.76 4.72 -14.55
N ASN A 205 20.36 4.57 -15.74
CA ASN A 205 21.85 4.59 -15.89
C ASN A 205 22.57 5.64 -15.02
N GLU A 206 21.86 6.70 -14.64
CA GLU A 206 22.42 7.71 -13.79
C GLU A 206 22.55 7.08 -12.41
N ASP A 207 22.52 7.92 -11.37
CA ASP A 207 22.79 7.39 -10.03
C ASP A 207 22.29 6.07 -9.52
N ALA A 208 23.26 5.23 -9.79
CA ALA A 208 23.38 3.86 -9.51
C ALA A 208 24.45 3.95 -8.43
N SER A 209 24.25 3.08 -7.46
CA SER A 209 25.01 2.84 -6.27
C SER A 209 23.90 2.15 -5.49
N SER A 210 22.69 2.74 -5.51
CA SER A 210 21.56 2.09 -4.83
C SER A 210 21.23 0.80 -5.54
N ARG A 211 21.21 0.83 -6.86
CA ARG A 211 20.96 -0.41 -7.62
C ARG A 211 20.03 -1.43 -6.95
N PHE A 212 18.94 -1.06 -6.32
CA PHE A 212 18.12 -2.09 -5.68
C PHE A 212 16.82 -1.42 -5.35
N SER A 213 16.82 -0.09 -5.51
CA SER A 213 15.68 0.76 -5.19
C SER A 213 14.85 1.17 -6.40
N ASN A 214 14.11 0.19 -6.91
CA ASN A 214 13.21 0.37 -8.05
C ASN A 214 12.29 -0.85 -8.07
N ALA A 215 11.10 -0.69 -8.66
CA ALA A 215 10.14 -1.77 -8.71
C ALA A 215 10.69 -2.94 -9.52
N ASP A 216 11.42 -2.66 -10.59
CA ASP A 216 11.95 -3.75 -11.39
C ASP A 216 12.88 -4.67 -10.61
N TYR A 217 13.82 -4.11 -9.85
CA TYR A 217 14.70 -4.99 -9.10
C TYR A 217 13.91 -5.74 -8.05
N ALA A 218 13.09 -5.02 -7.29
CA ALA A 218 12.28 -5.65 -6.23
C ALA A 218 11.46 -6.82 -6.75
N VAL A 219 10.79 -6.63 -7.89
CA VAL A 219 9.98 -7.70 -8.49
C VAL A 219 10.84 -8.88 -8.95
N SER A 220 11.96 -8.59 -9.61
CA SER A 220 12.84 -9.66 -10.07
C SER A 220 13.41 -10.48 -8.91
N TYR A 221 13.78 -9.80 -7.84
CA TYR A 221 14.34 -10.46 -6.65
C TYR A 221 13.36 -11.40 -5.97
N MET A 222 12.11 -10.94 -5.82
CA MET A 222 11.09 -11.77 -5.20
C MET A 222 10.82 -13.02 -6.02
N LEU A 223 10.81 -12.89 -7.34
CA LEU A 223 10.57 -14.06 -8.17
C LEU A 223 11.70 -15.05 -7.96
N ARG A 224 12.92 -14.53 -7.86
CA ARG A 224 14.10 -15.37 -7.66
C ARG A 224 14.12 -16.04 -6.30
N LEU A 225 13.68 -15.35 -5.24
CA LEU A 225 13.67 -15.94 -3.91
C LEU A 225 12.58 -17.00 -3.71
N GLY A 226 11.77 -17.25 -4.73
CA GLY A 226 10.77 -18.29 -4.59
C GLY A 226 9.30 -17.93 -4.63
N ALA A 227 8.97 -16.64 -4.65
CA ALA A 227 7.56 -16.26 -4.70
C ALA A 227 7.01 -16.46 -6.11
N PRO A 228 5.84 -17.12 -6.25
CA PRO A 228 5.32 -17.29 -7.63
C PRO A 228 4.57 -16.07 -8.15
N ALA A 229 4.89 -15.71 -9.38
CA ALA A 229 4.28 -14.57 -10.02
C ALA A 229 2.80 -14.46 -9.76
N ASN A 230 2.04 -15.56 -9.81
CA ASN A 230 0.60 -15.43 -9.60
C ASN A 230 0.12 -15.07 -8.20
N LYS A 231 1.05 -14.78 -7.29
CA LYS A 231 0.70 -14.35 -5.93
C LYS A 231 1.23 -12.95 -5.61
N LEU A 232 2.01 -12.41 -6.53
CA LEU A 232 2.58 -11.10 -6.33
C LEU A 232 1.71 -9.98 -6.83
N VAL A 233 1.52 -9.00 -5.97
CA VAL A 233 0.75 -7.83 -6.35
C VAL A 233 1.73 -6.67 -6.15
N MET A 234 1.87 -5.84 -7.18
CA MET A 234 2.79 -4.71 -7.13
C MET A 234 2.17 -3.42 -6.67
N GLY A 235 2.76 -2.81 -5.64
CA GLY A 235 2.22 -1.58 -5.09
C GLY A 235 2.37 -0.31 -5.90
N ILE A 236 1.27 0.41 -6.05
CA ILE A 236 1.27 1.67 -6.80
C ILE A 236 0.79 2.81 -5.88
N PRO A 237 1.61 3.87 -5.75
CA PRO A 237 1.31 5.03 -4.91
C PRO A 237 0.30 5.96 -5.53
N THR A 238 -0.48 6.61 -4.68
CA THR A 238 -1.50 7.53 -5.11
C THR A 238 -1.21 8.84 -4.39
N PHE A 239 0.04 8.99 -3.99
CA PHE A 239 0.54 10.14 -3.27
C PHE A 239 1.96 10.39 -3.72
N GLY A 240 2.53 11.51 -3.30
CA GLY A 240 3.89 11.83 -3.68
C GLY A 240 4.62 12.26 -2.44
N ARG A 241 5.93 12.15 -2.42
CA ARG A 241 6.69 12.59 -1.27
C ARG A 241 7.24 13.96 -1.69
N SER A 242 7.19 14.92 -0.76
CA SER A 242 7.64 16.28 -1.02
C SER A 242 8.91 16.63 -0.25
N PHE A 243 9.63 17.63 -0.76
CA PHE A 243 10.87 18.10 -0.13
C PHE A 243 11.01 19.60 -0.23
N THR A 244 11.60 20.19 0.81
CA THR A 244 11.88 21.62 0.82
C THR A 244 13.32 21.70 0.33
N LEU A 245 13.51 22.32 -0.83
CA LEU A 245 14.85 22.44 -1.40
C LEU A 245 15.76 23.26 -0.51
N ALA A 246 17.06 22.95 -0.54
CA ALA A 246 18.01 23.71 0.25
C ALA A 246 18.89 24.58 -0.65
N SER A 247 18.60 24.58 -1.95
CA SER A 247 19.32 25.41 -2.93
C SER A 247 18.38 25.65 -4.11
N SER A 248 18.88 26.29 -5.17
CA SER A 248 18.03 26.50 -6.33
C SER A 248 18.23 25.39 -7.35
N LYS A 249 19.08 24.42 -6.99
CA LYS A 249 19.32 23.28 -7.86
C LYS A 249 18.08 22.39 -7.78
N THR A 250 17.52 22.10 -8.94
CA THR A 250 16.30 21.32 -9.07
C THR A 250 16.48 19.90 -9.61
N ASP A 251 17.59 19.67 -10.33
CA ASP A 251 17.87 18.38 -10.96
C ASP A 251 18.32 17.27 -10.00
N VAL A 252 18.58 16.09 -10.56
CA VAL A 252 19.01 14.94 -9.77
C VAL A 252 20.09 15.33 -8.76
N GLY A 253 20.08 14.66 -7.60
CA GLY A 253 21.07 14.91 -6.57
C GLY A 253 21.07 16.23 -5.80
N ALA A 254 20.22 17.18 -6.18
CA ALA A 254 20.12 18.47 -5.51
C ALA A 254 19.99 18.30 -3.98
N PRO A 255 20.57 19.22 -3.18
CA PRO A 255 20.44 19.04 -1.74
C PRO A 255 19.10 19.44 -1.16
N VAL A 256 18.70 18.74 -0.11
CA VAL A 256 17.44 18.95 0.57
C VAL A 256 17.58 19.34 2.05
N SER A 257 16.78 20.31 2.47
CA SER A 257 16.81 20.76 3.86
C SER A 257 15.88 19.96 4.78
N GLY A 258 14.89 19.32 4.20
CA GLY A 258 13.93 18.55 4.99
C GLY A 258 12.65 18.27 4.23
N PRO A 259 11.62 17.69 4.87
CA PRO A 259 10.38 17.39 4.16
C PRO A 259 9.75 18.61 3.52
N GLY A 260 8.72 18.38 2.72
CA GLY A 260 7.99 19.47 2.11
C GLY A 260 6.90 19.98 3.04
N VAL A 261 6.49 21.21 2.79
CA VAL A 261 5.44 21.86 3.55
C VAL A 261 4.18 20.98 3.50
N PRO A 262 3.39 20.92 4.60
CA PRO A 262 2.16 20.11 4.64
C PRO A 262 1.11 20.43 3.59
N GLY A 263 0.28 19.45 3.28
CA GLY A 263 -0.79 19.68 2.31
C GLY A 263 -1.93 20.33 3.05
N ARG A 264 -2.68 21.20 2.36
CA ARG A 264 -3.80 21.89 2.98
C ARG A 264 -4.81 20.93 3.58
N PHE A 265 -4.97 19.76 2.96
CA PHE A 265 -5.93 18.75 3.42
C PHE A 265 -5.36 17.56 4.22
N THR A 266 -4.25 16.99 3.74
CA THR A 266 -3.62 15.84 4.40
C THR A 266 -2.81 16.20 5.64
N LYS A 267 -2.45 17.47 5.74
CA LYS A 267 -1.71 18.03 6.87
C LYS A 267 -0.58 17.22 7.52
N GLU A 268 0.35 16.74 6.71
CA GLU A 268 1.48 15.96 7.21
C GLU A 268 2.70 16.30 6.36
N LYS A 269 3.80 16.68 6.98
CA LYS A 269 5.01 17.06 6.26
C LYS A 269 5.59 15.94 5.43
N GLY A 270 5.96 16.23 4.20
CA GLY A 270 6.58 15.19 3.43
C GLY A 270 5.73 14.38 2.52
N ILE A 271 4.41 14.40 2.70
CA ILE A 271 3.65 13.67 1.72
C ILE A 271 2.49 14.53 1.30
N LEU A 272 2.03 14.25 0.09
CA LEU A 272 0.95 14.98 -0.51
C LEU A 272 0.01 14.04 -1.21
N ALA A 273 -1.30 14.31 -1.11
CA ALA A 273 -2.32 13.49 -1.76
C ALA A 273 -2.26 13.84 -3.26
N TYR A 274 -2.70 12.92 -4.12
CA TYR A 274 -2.64 13.21 -5.55
C TYR A 274 -3.50 14.41 -5.89
N TYR A 275 -4.67 14.52 -5.27
CA TYR A 275 -5.56 15.64 -5.54
C TYR A 275 -4.97 16.97 -5.07
N GLU A 276 -4.02 16.90 -4.14
CA GLU A 276 -3.37 18.11 -3.65
C GLU A 276 -2.31 18.44 -4.68
N ILE A 277 -1.69 17.40 -5.23
CA ILE A 277 -0.68 17.58 -6.25
C ILE A 277 -1.31 18.15 -7.50
N CYS A 278 -2.55 17.75 -7.79
CA CYS A 278 -3.24 18.26 -8.97
C CYS A 278 -3.28 19.77 -8.89
N ASP A 279 -3.51 20.29 -7.69
CA ASP A 279 -3.57 21.72 -7.46
C ASP A 279 -2.18 22.35 -7.39
N PHE A 280 -1.23 21.65 -6.79
CA PHE A 280 0.15 22.15 -6.67
C PHE A 280 0.77 22.37 -8.05
N LEU A 281 0.36 21.55 -9.00
CA LEU A 281 0.88 21.60 -10.35
C LEU A 281 0.72 22.91 -11.10
N HIS A 282 -0.36 23.65 -10.84
CA HIS A 282 -0.57 24.94 -11.49
C HIS A 282 0.56 25.87 -11.02
N GLY A 283 1.42 26.30 -11.94
CA GLY A 283 2.50 27.20 -11.59
C GLY A 283 3.80 26.49 -11.31
N ALA A 284 3.85 25.20 -11.57
CA ALA A 284 5.05 24.42 -11.34
C ALA A 284 5.71 23.95 -12.63
N THR A 285 7.01 23.74 -12.56
CA THR A 285 7.77 23.24 -13.69
C THR A 285 7.72 21.75 -13.48
N THR A 286 7.28 21.02 -14.50
CA THR A 286 7.21 19.57 -14.36
C THR A 286 8.36 18.91 -15.12
N HIS A 287 8.81 17.78 -14.60
CA HIS A 287 9.90 17.03 -15.20
C HIS A 287 9.61 15.54 -15.14
N ARG A 288 10.42 14.76 -15.85
CA ARG A 288 10.25 13.32 -15.87
C ARG A 288 11.58 12.61 -16.08
N PHE A 289 11.96 11.79 -15.11
CA PHE A 289 13.19 11.01 -15.24
C PHE A 289 12.79 10.04 -16.35
N ARG A 290 13.49 10.03 -17.48
CA ARG A 290 13.08 9.09 -18.53
C ARG A 290 13.60 7.68 -18.26
N ASP A 291 14.75 7.58 -17.60
CA ASP A 291 15.30 6.28 -17.28
C ASP A 291 14.37 5.50 -16.33
N GLN A 292 13.92 6.16 -15.27
CA GLN A 292 13.03 5.52 -14.29
C GLN A 292 11.54 5.61 -14.63
N GLN A 293 11.19 6.54 -15.51
CA GLN A 293 9.83 6.71 -15.99
C GLN A 293 8.81 7.16 -14.95
N VAL A 294 9.19 8.15 -14.16
CA VAL A 294 8.30 8.70 -13.16
C VAL A 294 8.56 10.21 -13.15
N PRO A 295 7.51 11.00 -12.90
CA PRO A 295 7.64 12.45 -12.87
C PRO A 295 7.99 13.07 -11.53
N TYR A 296 8.20 14.38 -11.55
CA TYR A 296 8.47 15.18 -10.36
C TYR A 296 8.21 16.64 -10.75
N ALA A 297 7.98 17.50 -9.76
CA ALA A 297 7.68 18.89 -10.07
C ALA A 297 8.34 19.85 -9.08
N THR A 298 8.39 21.13 -9.45
CA THR A 298 8.96 22.17 -8.61
C THR A 298 8.19 23.47 -8.71
N LYS A 299 8.21 24.21 -7.60
CA LYS A 299 7.51 25.48 -7.46
C LYS A 299 8.27 26.15 -6.31
N GLY A 300 8.94 27.26 -6.57
CA GLY A 300 9.67 27.89 -5.47
C GLY A 300 10.68 26.93 -4.88
N ASN A 301 10.66 26.75 -3.56
CA ASN A 301 11.61 25.83 -2.93
C ASN A 301 10.98 24.48 -2.57
N GLN A 302 9.94 24.10 -3.32
CA GLN A 302 9.25 22.84 -3.11
C GLN A 302 9.52 21.88 -4.28
N TRP A 303 9.98 20.69 -3.94
CA TRP A 303 10.28 19.65 -4.92
C TRP A 303 9.39 18.44 -4.60
N VAL A 304 8.64 17.96 -5.59
CA VAL A 304 7.72 16.85 -5.40
C VAL A 304 7.91 15.69 -6.37
N ALA A 305 7.99 14.48 -5.81
CA ALA A 305 8.10 13.24 -6.60
C ALA A 305 6.72 12.62 -6.52
N TYR A 306 6.10 12.34 -7.66
CA TYR A 306 4.77 11.77 -7.65
C TYR A 306 4.52 10.81 -8.81
N ASP A 307 3.27 10.37 -8.92
CA ASP A 307 2.90 9.48 -10.00
C ASP A 307 1.68 10.02 -10.72
N ASP A 308 1.83 10.30 -12.00
CA ASP A 308 0.71 10.77 -12.78
C ASP A 308 0.07 9.55 -13.46
N GLN A 309 -0.96 9.80 -14.26
CA GLN A 309 -1.69 8.73 -14.95
C GLN A 309 -0.78 7.87 -15.83
N GLU A 310 0.07 8.57 -16.53
CA GLU A 310 1.00 7.99 -17.46
C GLU A 310 1.94 6.98 -16.78
N SER A 311 2.60 7.41 -15.71
CA SER A 311 3.54 6.56 -14.99
C SER A 311 2.87 5.36 -14.35
N VAL A 312 1.60 5.54 -14.00
CA VAL A 312 0.84 4.50 -13.36
C VAL A 312 0.36 3.42 -14.35
N LYS A 313 0.15 3.81 -15.62
CA LYS A 313 -0.27 2.89 -16.69
C LYS A 313 0.94 2.10 -17.09
N ASN A 314 2.07 2.77 -16.98
CA ASN A 314 3.37 2.21 -17.31
C ASN A 314 3.71 1.08 -16.35
N LYS A 315 3.51 1.34 -15.06
CA LYS A 315 3.78 0.35 -14.04
C LYS A 315 2.83 -0.83 -14.25
N ALA A 316 1.58 -0.50 -14.57
CA ALA A 316 0.58 -1.52 -14.82
C ALA A 316 0.94 -2.37 -16.05
N ARG A 317 1.48 -1.77 -17.10
CA ARG A 317 1.88 -2.56 -18.27
C ARG A 317 3.00 -3.51 -17.87
N TYR A 318 3.92 -3.00 -17.06
CA TYR A 318 5.04 -3.80 -16.60
C TYR A 318 4.58 -5.02 -15.84
N LEU A 319 3.77 -4.86 -14.80
CA LEU A 319 3.38 -6.05 -14.06
C LEU A 319 2.62 -7.05 -14.94
N LYS A 320 1.95 -6.55 -15.99
CA LYS A 320 1.23 -7.44 -16.90
C LYS A 320 2.24 -8.27 -17.67
N ASN A 321 3.34 -7.65 -18.06
CA ASN A 321 4.41 -8.32 -18.82
C ASN A 321 5.25 -9.31 -18.05
N ARG A 322 5.22 -9.22 -16.73
CA ARG A 322 5.96 -10.17 -15.91
C ARG A 322 4.98 -11.18 -15.31
N GLN A 323 3.73 -11.04 -15.75
CA GLN A 323 2.63 -11.91 -15.36
C GLN A 323 2.43 -11.98 -13.86
N LEU A 324 2.32 -10.83 -13.22
CA LEU A 324 2.11 -10.81 -11.79
C LEU A 324 0.61 -10.92 -11.63
N ALA A 325 0.13 -11.13 -10.41
CA ALA A 325 -1.31 -11.29 -10.20
C ALA A 325 -2.10 -10.00 -10.27
N GLY A 326 -1.45 -8.86 -10.04
CA GLY A 326 -2.19 -7.62 -10.13
C GLY A 326 -1.50 -6.43 -9.50
N ALA A 327 -2.28 -5.37 -9.30
CA ALA A 327 -1.76 -4.15 -8.72
C ALA A 327 -2.40 -3.86 -7.38
N MET A 328 -1.64 -3.22 -6.50
CA MET A 328 -2.13 -2.80 -5.20
C MET A 328 -1.99 -1.28 -5.18
N VAL A 329 -3.06 -0.61 -4.76
CA VAL A 329 -3.08 0.85 -4.68
C VAL A 329 -3.16 1.40 -3.26
N TRP A 330 -2.21 2.26 -2.92
CA TRP A 330 -2.22 2.93 -1.63
C TRP A 330 -2.28 4.41 -1.97
N ALA A 331 -3.41 5.08 -1.72
CA ALA A 331 -4.62 4.50 -1.14
C ALA A 331 -5.79 5.23 -1.81
N LEU A 332 -6.98 4.61 -1.80
CA LEU A 332 -8.14 5.23 -2.44
C LEU A 332 -8.46 6.64 -1.99
N ASP A 333 -8.27 6.92 -0.71
CA ASP A 333 -8.58 8.25 -0.16
C ASP A 333 -7.58 9.33 -0.51
N LEU A 334 -6.52 8.99 -1.25
CA LEU A 334 -5.50 9.97 -1.64
C LEU A 334 -5.58 10.28 -3.15
N ASP A 335 -6.37 9.47 -3.86
CA ASP A 335 -6.59 9.60 -5.28
C ASP A 335 -7.61 10.73 -5.37
N ASP A 336 -7.98 11.18 -6.57
CA ASP A 336 -9.02 12.21 -6.65
C ASP A 336 -10.37 11.50 -6.59
N PHE A 337 -10.71 11.04 -5.39
CA PHE A 337 -11.92 10.29 -5.17
C PHE A 337 -13.20 11.04 -5.47
N ARG A 338 -13.17 12.37 -5.42
CA ARG A 338 -14.36 13.16 -5.77
C ARG A 338 -14.30 13.51 -7.25
N GLY A 339 -13.09 13.54 -7.79
CA GLY A 339 -12.89 13.85 -9.18
C GLY A 339 -13.11 15.31 -9.54
N THR A 340 -12.93 16.20 -8.56
CA THR A 340 -13.12 17.63 -8.79
C THR A 340 -11.88 18.47 -8.54
N PHE A 341 -10.71 17.82 -8.44
CA PHE A 341 -9.46 18.55 -8.21
C PHE A 341 -8.50 18.50 -9.38
N CYS A 342 -8.57 17.41 -10.14
CA CYS A 342 -7.62 17.18 -11.21
C CYS A 342 -7.93 17.55 -12.64
N GLY A 343 -9.01 18.30 -12.86
CA GLY A 343 -9.32 18.67 -14.21
C GLY A 343 -10.36 17.75 -14.78
N GLN A 344 -9.97 16.91 -15.74
CA GLN A 344 -10.91 16.00 -16.41
C GLN A 344 -11.85 15.17 -15.51
N ASN A 345 -13.08 15.67 -15.38
CA ASN A 345 -14.10 15.03 -14.58
C ASN A 345 -14.06 13.50 -14.73
N LEU A 346 -13.41 12.89 -13.76
CA LEU A 346 -13.30 11.43 -13.64
C LEU A 346 -13.02 11.22 -12.17
N THR A 347 -13.77 10.31 -11.54
CA THR A 347 -13.60 10.04 -10.14
C THR A 347 -12.52 8.94 -10.12
N PHE A 348 -11.56 9.04 -9.17
CA PHE A 348 -10.42 8.11 -9.01
C PHE A 348 -9.57 8.01 -10.29
N PRO A 349 -9.02 9.15 -10.75
CA PRO A 349 -8.22 9.13 -11.98
C PRO A 349 -7.02 8.16 -12.03
N LEU A 350 -6.30 8.03 -10.93
CA LEU A 350 -5.14 7.14 -10.93
C LEU A 350 -5.53 5.68 -10.86
N THR A 351 -6.48 5.35 -9.97
CA THR A 351 -6.87 3.97 -9.87
C THR A 351 -7.58 3.52 -11.12
N SER A 352 -8.35 4.41 -11.75
CA SER A 352 -9.03 4.04 -12.99
C SER A 352 -8.00 3.72 -14.06
N ALA A 353 -6.97 4.55 -14.15
CA ALA A 353 -5.92 4.37 -15.12
C ALA A 353 -5.34 2.98 -14.95
N VAL A 354 -5.02 2.58 -13.73
CA VAL A 354 -4.47 1.25 -13.53
C VAL A 354 -5.48 0.21 -14.01
N LYS A 355 -6.73 0.34 -13.59
CA LYS A 355 -7.80 -0.58 -13.98
C LYS A 355 -8.00 -0.73 -15.48
N ASP A 356 -7.77 0.34 -16.24
CA ASP A 356 -7.95 0.31 -17.70
C ASP A 356 -6.89 -0.59 -18.31
N VAL A 357 -5.65 -0.42 -17.87
CA VAL A 357 -4.54 -1.21 -18.40
C VAL A 357 -4.70 -2.69 -18.06
N LEU A 358 -5.20 -2.95 -16.87
CA LEU A 358 -5.40 -4.31 -16.43
C LEU A 358 -6.56 -4.94 -17.17
N ALA A 359 -7.49 -4.12 -17.63
CA ALA A 359 -8.66 -4.62 -18.35
C ALA A 359 -8.41 -4.89 -19.81
N GLU A 360 -7.29 -4.39 -20.34
CA GLU A 360 -6.95 -4.67 -21.73
C GLU A 360 -6.32 -6.08 -21.63
N VAL A 361 -5.59 -6.41 -22.69
CA VAL A 361 -4.90 -7.69 -22.83
C VAL A 361 -3.76 -7.95 -21.82
C1 NAG B . -4.52 -0.53 20.91
C2 NAG B . -5.08 0.72 21.64
C3 NAG B . -4.28 1.07 22.88
C4 NAG B . -3.78 -0.20 23.62
C5 NAG B . -3.25 -1.22 22.70
C6 NAG B . -2.72 -2.41 23.44
C7 NAG B . -6.15 2.27 20.17
C8 NAG B . -6.12 3.62 19.51
N2 NAG B . -5.03 1.86 20.75
O3 NAG B . -5.08 1.86 23.76
O4 NAG B . -2.66 0.12 24.37
O5 NAG B . -4.27 -1.60 21.81
O6 NAG B . -3.73 -3.35 23.74
O7 NAG B . -7.17 1.59 20.17
C1 NAG B . -2.96 1.15 26.02
C2 NAG B . -1.56 1.37 26.63
C3 NAG B . -1.70 1.72 28.15
C4 NAG B . -3.22 2.02 28.41
C5 NAG B . -4.01 0.71 28.16
C6 NAG B . -5.52 0.90 28.27
C7 NAG B . -0.01 0.07 25.27
C8 NAG B . 1.26 -0.80 25.34
N2 NAG B . -0.74 0.19 26.39
O1 NAG B . -3.65 2.33 25.74
O3 NAG B . -0.89 2.87 28.34
O4 NAG B . -3.55 2.51 29.73
O5 NAG B . -3.76 0.25 26.81
O6 NAG B . -5.95 1.90 27.36
O7 NAG B . -0.28 0.63 24.21
C1 BMA B . -3.74 1.53 30.69
C2 BMA B . -3.09 1.97 32.05
C3 BMA B . -3.63 1.05 33.08
C4 BMA B . -5.05 1.39 33.19
C5 BMA B . -5.67 0.72 32.02
C6 BMA B . -7.21 0.71 32.13
O2 BMA B . -3.46 3.30 32.48
O3 BMA B . -3.03 1.23 34.33
O4 BMA B . -5.61 0.97 34.43
O5 BMA B . -5.24 1.47 30.84
O6 BMA B . -7.94 0.94 30.93
C1 NAG C . 0.50 6.17 6.85
C2 NAG C . -0.14 7.57 6.72
C3 NAG C . 0.14 8.35 8.02
C4 NAG C . -0.53 7.45 9.11
C5 NAG C . 0.20 6.13 9.20
C6 NAG C . -0.63 5.43 10.26
C7 NAG C . -0.43 8.12 4.40
C8 NAG C . 0.18 8.75 3.17
N2 NAG C . 0.29 8.24 5.51
O1 NAG C . 0.15 5.39 5.77
O3 NAG C . -0.45 9.66 7.90
O4 NAG C . -0.53 7.97 10.46
O5 NAG C . -0.03 5.46 7.97
O6 NAG C . -0.17 4.13 10.51
O7 NAG C . -1.51 7.54 4.31
C1 NAG C . -1.71 8.51 10.89
C2 NAG C . -2.43 7.86 12.10
C3 NAG C . -3.70 8.72 12.31
C4 NAG C . -3.42 10.32 12.24
C5 NAG C . -2.58 10.69 11.02
C6 NAG C . -2.18 12.06 10.90
C7 NAG C . -3.31 5.65 12.93
C8 NAG C . -3.52 4.16 12.67
N2 NAG C . -2.73 6.41 11.95
O3 NAG C . -4.26 8.33 13.59
O4 NAG C . -4.65 11.09 12.20
O5 NAG C . -1.44 9.91 11.07
O6 NAG C . -1.11 12.05 10.01
O7 NAG C . -3.72 6.11 14.04
C1 NAG C . -5.27 11.41 13.41
C2 NAG C . -6.09 12.72 13.27
C3 NAG C . -7.02 12.90 14.48
C4 NAG C . -7.76 11.63 14.94
C5 NAG C . -6.88 10.37 14.90
C6 NAG C . -7.76 9.14 15.08
C7 NAG C . -4.22 14.46 12.84
C8 NAG C . -3.36 14.62 14.05
N2 NAG C . -5.50 14.07 13.01
O3 NAG C . -7.98 13.89 14.13
O4 NAG C . -8.15 11.86 16.28
O5 NAG C . -6.13 10.28 13.66
O6 NAG C . -6.96 7.99 15.20
O7 NAG C . -3.76 14.66 11.69
#